data_7Z97
#
_entry.id   7Z97
#
_cell.length_a   95.863
_cell.length_b   95.863
_cell.length_c   111.522
_cell.angle_alpha   90.000
_cell.angle_beta   90.000
_cell.angle_gamma   120.000
#
_symmetry.space_group_name_H-M   'P 32 2 1'
#
loop_
_entity.id
_entity.type
_entity.pdbx_description
1 polymer 'Putative dehydrogenase/oxygenase subunit (Flavoprotein)'
2 non-polymer 'FLAVIN-ADENINE DINUCLEOTIDE'
3 non-polymer 1,2-ETHANEDIOL
4 non-polymer 6-bromo-1H-indole
5 water water
#
_entity_poly.entity_id   1
_entity_poly.type   'polypeptide(L)'
_entity_poly.pdbx_seq_one_letter_code
;MGHHHHHHHHHHSSGHIEGRHMKRIAIVGAGQSGLQLGLGLLAAGYEVTMFSNRTGEDIRRGKVMSSQCMFDTSLQIERD
LGLDHWASDCPTVDGIGLAVPHPEQKGAKVIDWAARLNASAQSVDQRLKIPAWMDEFQKKGGELVFKDAGIDELEACTQS
HDLTLVASGKGEISKLFERDAHKSPYDKPQRALALTYVKGMAPREPFSAVCMNLIPGVGEYFVFPALTTTGPCEIMVFEG
VPGGPMDCWADVKTPEEHLARSKWILDTFTPWEAERCKDIELTDDNGILAGRFAPTVRKPVATLPSGRKVLGLADVVVLN
DPITGQGSNNAAKCADTYLKSILARGDGAADAAWMQQTFDRYWFGYAQWVTQWTNMLLAPPPPHVLNLLGSAGAVPPLAS
AFANGFDDPRTFFPWFADAAESERYIATCAAVA
;
_entity_poly.pdbx_strand_id   A
#
# COMPACT_ATOMS: atom_id res chain seq x y z
N LYS A 23 -26.15 -4.23 -14.52
CA LYS A 23 -25.79 -5.43 -15.25
C LYS A 23 -24.47 -5.34 -16.01
N ARG A 24 -24.15 -4.19 -16.61
CA ARG A 24 -22.91 -4.04 -17.36
C ARG A 24 -22.05 -2.96 -16.73
N ILE A 25 -20.82 -3.33 -16.35
CA ILE A 25 -19.90 -2.44 -15.64
C ILE A 25 -18.61 -2.37 -16.42
N ALA A 26 -18.08 -1.15 -16.58
CA ALA A 26 -16.79 -0.94 -17.19
C ALA A 26 -15.77 -0.44 -16.19
N ILE A 27 -14.55 -0.95 -16.27
CA ILE A 27 -13.46 -0.55 -15.40
C ILE A 27 -12.22 -0.26 -16.26
N VAL A 28 -11.65 0.92 -16.08
CA VAL A 28 -10.41 1.31 -16.74
C VAL A 28 -9.29 1.15 -15.73
N GLY A 29 -8.39 0.21 -15.99
CA GLY A 29 -7.24 -0.01 -15.16
C GLY A 29 -7.28 -1.36 -14.49
N ALA A 30 -6.46 -2.27 -15.01
CA ALA A 30 -6.39 -3.66 -14.55
C ALA A 30 -5.31 -3.77 -13.47
N GLY A 31 -5.64 -3.21 -12.31
CA GLY A 31 -4.76 -3.28 -11.16
C GLY A 31 -5.40 -4.00 -9.99
N GLN A 32 -4.85 -3.78 -8.79
N GLN A 32 -4.87 -3.76 -8.79
CA GLN A 32 -5.33 -4.49 -7.60
CA GLN A 32 -5.35 -4.50 -7.63
C GLN A 32 -6.82 -4.23 -7.38
C GLN A 32 -6.83 -4.24 -7.38
N SER A 33 -7.20 -2.96 -7.27
CA SER A 33 -8.60 -2.64 -6.98
C SER A 33 -9.50 -2.98 -8.15
N GLY A 34 -9.06 -2.68 -9.37
CA GLY A 34 -9.92 -2.91 -10.51
C GLY A 34 -10.22 -4.37 -10.74
N LEU A 35 -9.19 -5.22 -10.68
CA LEU A 35 -9.39 -6.64 -10.90
C LEU A 35 -10.13 -7.30 -9.73
N GLN A 36 -9.88 -6.87 -8.50
CA GLN A 36 -10.62 -7.44 -7.38
C GLN A 36 -12.10 -7.13 -7.54
N LEU A 37 -12.41 -5.86 -7.83
CA LEU A 37 -13.80 -5.46 -8.05
C LEU A 37 -14.41 -6.22 -9.23
N GLY A 38 -13.69 -6.25 -10.35
CA GLY A 38 -14.23 -6.93 -11.52
C GLY A 38 -14.50 -8.41 -11.28
N LEU A 39 -13.60 -9.08 -10.57
CA LEU A 39 -13.80 -10.50 -10.29
C LEU A 39 -14.98 -10.71 -9.35
N GLY A 40 -15.13 -9.81 -8.37
CA GLY A 40 -16.29 -9.89 -7.49
C GLY A 40 -17.58 -9.63 -8.22
N LEU A 41 -17.56 -8.73 -9.23
CA LEU A 41 -18.77 -8.44 -9.97
C LEU A 41 -19.14 -9.61 -10.88
N LEU A 42 -18.14 -10.27 -11.47
CA LEU A 42 -18.44 -11.39 -12.35
C LEU A 42 -19.08 -12.52 -11.55
N ALA A 43 -18.60 -12.74 -10.31
CA ALA A 43 -19.16 -13.78 -9.47
C ALA A 43 -20.58 -13.45 -9.06
N ALA A 44 -20.95 -12.18 -9.05
CA ALA A 44 -22.29 -11.74 -8.72
C ALA A 44 -23.21 -11.67 -9.93
N GLY A 45 -22.73 -12.08 -11.11
CA GLY A 45 -23.56 -12.17 -12.28
C GLY A 45 -23.56 -10.96 -13.20
N TYR A 46 -22.66 -10.01 -12.98
CA TYR A 46 -22.58 -8.84 -13.85
C TYR A 46 -21.72 -9.16 -15.06
N GLU A 47 -22.01 -8.47 -16.16
CA GLU A 47 -21.05 -8.37 -17.25
C GLU A 47 -20.06 -7.27 -16.93
N VAL A 48 -18.78 -7.54 -17.20
CA VAL A 48 -17.72 -6.60 -16.84
C VAL A 48 -16.78 -6.46 -18.04
N THR A 49 -16.53 -5.23 -18.43
CA THR A 49 -15.54 -4.87 -19.43
C THR A 49 -14.40 -4.19 -18.68
N MET A 50 -13.16 -4.59 -18.98
CA MET A 50 -12.00 -4.00 -18.34
C MET A 50 -10.96 -3.60 -19.36
N PHE A 51 -10.35 -2.43 -19.18
CA PHE A 51 -9.30 -1.94 -20.05
C PHE A 51 -7.95 -2.06 -19.36
N SER A 52 -7.02 -2.76 -20.00
CA SER A 52 -5.65 -2.86 -19.52
C SER A 52 -4.70 -2.23 -20.52
N ASN A 53 -3.71 -1.51 -20.00
CA ASN A 53 -2.71 -0.85 -20.82
C ASN A 53 -1.43 -1.67 -20.95
N ARG A 54 -1.43 -2.91 -20.46
CA ARG A 54 -0.28 -3.81 -20.58
C ARG A 54 -0.74 -5.25 -20.71
N THR A 55 0.11 -6.08 -21.32
CA THR A 55 -0.14 -7.52 -21.34
C THR A 55 0.29 -8.13 -20.02
N GLY A 56 -0.32 -9.26 -19.67
CA GLY A 56 0.07 -9.96 -18.45
C GLY A 56 1.55 -10.27 -18.39
N GLU A 57 2.11 -10.76 -19.49
CA GLU A 57 3.53 -11.14 -19.47
C GLU A 57 4.43 -9.91 -19.29
N ASP A 58 4.08 -8.78 -19.93
CA ASP A 58 4.90 -7.57 -19.74
C ASP A 58 4.84 -7.09 -18.29
N ILE A 59 3.71 -7.32 -17.60
CA ILE A 59 3.63 -7.03 -16.16
C ILE A 59 4.50 -7.99 -15.37
N ARG A 60 4.40 -9.29 -15.65
CA ARG A 60 5.19 -10.28 -14.93
C ARG A 60 6.67 -9.98 -15.01
N ARG A 61 7.16 -9.57 -16.18
CA ARG A 61 8.59 -9.42 -16.39
C ARG A 61 9.07 -7.98 -16.31
N GLY A 62 8.18 -7.03 -16.07
CA GLY A 62 8.54 -5.64 -15.94
C GLY A 62 9.04 -5.29 -14.57
N LYS A 63 9.09 -3.98 -14.30
CA LYS A 63 9.60 -3.52 -13.01
C LYS A 63 8.58 -3.75 -11.89
N VAL A 64 9.10 -3.92 -10.68
CA VAL A 64 8.21 -4.01 -9.55
C VAL A 64 7.46 -2.67 -9.38
N MET A 65 6.33 -2.72 -8.66
CA MET A 65 5.43 -1.58 -8.54
C MET A 65 5.11 -1.22 -7.09
N SER A 66 5.47 -2.07 -6.14
CA SER A 66 4.94 -1.97 -4.79
C SER A 66 5.71 -2.94 -3.94
N SER A 67 5.56 -2.80 -2.61
CA SER A 67 5.95 -3.84 -1.67
C SER A 67 4.74 -4.56 -1.08
N GLN A 68 3.52 -4.10 -1.41
CA GLN A 68 2.25 -4.75 -1.18
C GLN A 68 2.13 -5.65 0.05
N CYS A 69 2.57 -5.16 1.18
CA CYS A 69 2.33 -5.92 2.43
C CYS A 69 0.87 -5.75 2.84
N MET A 70 0.11 -6.84 2.83
CA MET A 70 -1.33 -6.84 3.12
C MET A 70 -1.60 -7.53 4.45
N PHE A 71 -2.31 -6.85 5.31
CA PHE A 71 -2.61 -7.35 6.66
C PHE A 71 -3.87 -8.20 6.64
N ASP A 72 -4.20 -8.79 7.78
CA ASP A 72 -5.14 -9.89 7.70
C ASP A 72 -6.51 -9.46 7.20
N THR A 73 -6.98 -8.27 7.55
CA THR A 73 -8.34 -7.90 7.11
C THR A 73 -8.41 -7.83 5.58
N SER A 74 -7.38 -7.25 4.98
CA SER A 74 -7.31 -7.21 3.51
C SER A 74 -7.18 -8.60 2.93
N LEU A 75 -6.24 -9.40 3.46
CA LEU A 75 -6.14 -10.77 2.98
C LEU A 75 -7.50 -11.46 3.05
N GLN A 76 -8.24 -11.26 4.15
CA GLN A 76 -9.53 -11.94 4.25
C GLN A 76 -10.54 -11.56 3.19
N ILE A 77 -10.52 -10.29 2.72
CA ILE A 77 -11.32 -9.87 1.58
C ILE A 77 -10.97 -10.69 0.34
N GLU A 78 -9.68 -10.93 0.10
CA GLU A 78 -9.28 -11.79 -1.01
C GLU A 78 -9.73 -13.22 -0.77
N ARG A 79 -9.59 -13.72 0.46
CA ARG A 79 -10.00 -15.10 0.67
C ARG A 79 -11.49 -15.26 0.40
N ASP A 80 -12.29 -14.30 0.82
CA ASP A 80 -13.74 -14.43 0.70
C ASP A 80 -14.17 -14.41 -0.76
N LEU A 81 -13.33 -13.90 -1.64
CA LEU A 81 -13.58 -13.95 -3.07
C LEU A 81 -12.90 -15.13 -3.77
N GLY A 82 -12.21 -15.98 -3.04
CA GLY A 82 -11.48 -17.09 -3.63
C GLY A 82 -10.25 -16.68 -4.40
N LEU A 83 -9.64 -15.55 -4.05
CA LEU A 83 -8.54 -14.99 -4.83
C LEU A 83 -7.20 -15.13 -4.13
N ASP A 84 -7.14 -15.84 -3.00
CA ASP A 84 -5.89 -16.05 -2.27
C ASP A 84 -5.10 -17.23 -2.85
N HIS A 85 -4.71 -17.08 -4.12
CA HIS A 85 -4.07 -18.16 -4.85
C HIS A 85 -2.64 -18.44 -4.40
N TRP A 86 -2.02 -17.55 -3.62
CA TRP A 86 -0.63 -17.75 -3.20
C TRP A 86 -0.47 -17.96 -1.71
N ALA A 87 -1.57 -18.18 -1.00
CA ALA A 87 -1.58 -18.25 0.46
C ALA A 87 -0.53 -19.21 0.99
N SER A 88 -0.41 -20.39 0.39
CA SER A 88 0.50 -21.40 0.92
C SER A 88 1.94 -21.20 0.46
N ASP A 89 2.15 -20.57 -0.68
CA ASP A 89 3.51 -20.36 -1.18
C ASP A 89 4.15 -19.08 -0.66
N CYS A 90 3.39 -18.13 -0.27
CA CYS A 90 3.94 -16.84 0.13
C CYS A 90 4.36 -16.87 1.59
N PRO A 91 5.57 -16.44 1.91
CA PRO A 91 5.98 -16.42 3.32
C PRO A 91 5.12 -15.49 4.13
N THR A 92 4.85 -15.88 5.38
CA THR A 92 4.08 -15.00 6.24
C THR A 92 4.98 -13.97 6.92
N VAL A 93 4.38 -12.83 7.19
CA VAL A 93 4.99 -11.75 7.96
C VAL A 93 4.24 -11.78 9.29
N ASP A 94 4.95 -12.06 10.38
CA ASP A 94 4.32 -12.49 11.63
C ASP A 94 4.29 -11.42 12.69
N GLY A 95 4.92 -10.29 12.44
CA GLY A 95 4.96 -9.20 13.41
C GLY A 95 5.48 -7.92 12.80
N ILE A 96 5.69 -6.95 13.66
CA ILE A 96 6.27 -5.66 13.32
C ILE A 96 7.33 -5.33 14.37
N GLY A 97 8.49 -4.91 13.91
CA GLY A 97 9.55 -4.45 14.78
C GLY A 97 9.87 -3.00 14.49
N LEU A 98 10.36 -2.31 15.51
CA LEU A 98 10.75 -0.91 15.37
C LEU A 98 12.11 -0.71 16.02
N ALA A 99 13.01 -0.07 15.30
CA ALA A 99 14.31 0.31 15.82
C ALA A 99 14.63 1.76 15.47
N VAL A 100 15.34 2.40 16.39
CA VAL A 100 15.85 3.75 16.23
C VAL A 100 17.33 3.78 16.61
N PRO A 101 18.19 4.30 15.76
CA PRO A 101 19.62 4.35 16.10
C PRO A 101 19.86 5.15 17.37
N HIS A 102 20.87 4.74 18.12
CA HIS A 102 21.26 5.46 19.32
C HIS A 102 22.05 6.71 18.94
N PRO A 103 21.68 7.88 19.46
CA PRO A 103 22.41 9.09 19.04
C PRO A 103 23.88 9.08 19.41
N GLU A 104 24.22 8.60 20.62
CA GLU A 104 25.60 8.61 21.09
C GLU A 104 26.31 7.31 20.75
N GLN A 105 25.81 6.19 21.26
CA GLN A 105 26.44 4.89 21.06
C GLN A 105 26.47 4.54 19.58
N LYS A 106 27.67 4.33 19.04
CA LYS A 106 27.85 4.07 17.62
C LYS A 106 27.43 2.64 17.29
N GLY A 107 26.62 2.50 16.23
CA GLY A 107 26.19 1.20 15.75
C GLY A 107 25.15 0.51 16.60
N ALA A 108 24.62 1.19 17.59
CA ALA A 108 23.66 0.64 18.54
C ALA A 108 22.30 1.30 18.31
N LYS A 109 21.29 0.77 19.01
CA LYS A 109 19.93 1.29 18.95
C LYS A 109 19.48 1.71 20.35
N VAL A 110 18.77 2.83 20.42
CA VAL A 110 18.18 3.30 21.65
C VAL A 110 16.76 2.77 21.83
N ILE A 111 16.06 2.47 20.75
CA ILE A 111 14.77 1.79 20.77
C ILE A 111 14.89 0.56 19.87
N ASP A 112 14.45 -0.59 20.38
CA ASP A 112 14.51 -1.83 19.58
C ASP A 112 13.50 -2.80 20.19
N TRP A 113 12.32 -2.90 19.57
CA TRP A 113 11.27 -3.77 20.10
C TRP A 113 10.52 -4.40 18.94
N ALA A 114 9.72 -5.39 19.24
CA ALA A 114 8.87 -6.07 18.28
C ALA A 114 7.60 -6.58 18.97
N ALA A 115 6.60 -6.87 18.15
CA ALA A 115 5.34 -7.44 18.61
C ALA A 115 4.75 -8.30 17.51
N ARG A 116 4.08 -9.37 17.90
CA ARG A 116 3.49 -10.29 16.94
C ARG A 116 2.13 -9.80 16.47
N LEU A 117 1.89 -9.96 15.16
CA LEU A 117 0.57 -9.66 14.64
C LEU A 117 -0.42 -10.73 15.08
N ASN A 118 -1.67 -10.32 15.32
CA ASN A 118 -2.67 -11.29 15.73
C ASN A 118 -2.92 -12.31 14.66
N ALA A 119 -2.67 -11.95 13.39
CA ALA A 119 -2.81 -12.87 12.28
C ALA A 119 -1.85 -12.38 11.21
N SER A 120 -1.33 -13.31 10.41
CA SER A 120 -0.19 -13.03 9.54
C SER A 120 -0.54 -12.01 8.46
N ALA A 121 0.46 -11.27 8.04
CA ALA A 121 0.39 -10.48 6.81
C ALA A 121 1.14 -11.20 5.71
N GLN A 122 0.89 -10.80 4.45
CA GLN A 122 1.52 -11.44 3.31
C GLN A 122 1.75 -10.42 2.19
N SER A 123 2.88 -10.54 1.54
CA SER A 123 3.21 -9.68 0.40
C SER A 123 3.43 -10.48 -0.88
N VAL A 124 2.45 -10.45 -1.78
CA VAL A 124 2.49 -11.17 -3.03
C VAL A 124 2.71 -10.16 -4.14
N ASP A 125 3.90 -10.21 -4.75
CA ASP A 125 4.28 -9.27 -5.81
C ASP A 125 3.16 -9.04 -6.80
N GLN A 126 2.81 -7.75 -7.03
CA GLN A 126 1.79 -7.43 -8.02
C GLN A 126 2.16 -7.96 -9.40
N ARG A 127 3.46 -8.21 -9.65
CA ARG A 127 3.85 -8.79 -10.94
C ARG A 127 3.35 -10.22 -11.05
N LEU A 128 3.15 -10.91 -9.91
CA LEU A 128 2.51 -12.22 -9.92
C LEU A 128 0.99 -12.09 -9.93
N LYS A 129 0.45 -11.28 -9.01
CA LYS A 129 -0.98 -11.31 -8.73
C LYS A 129 -1.80 -10.74 -9.87
N ILE A 130 -1.45 -9.53 -10.35
CA ILE A 130 -2.27 -8.86 -11.36
C ILE A 130 -2.38 -9.69 -12.64
N PRO A 131 -1.30 -10.20 -13.22
CA PRO A 131 -1.45 -11.04 -14.42
C PRO A 131 -2.26 -12.29 -14.18
N ALA A 132 -2.11 -12.95 -13.00
CA ALA A 132 -2.90 -14.13 -12.72
C ALA A 132 -4.37 -13.78 -12.59
N TRP A 133 -4.67 -12.61 -12.00
CA TRP A 133 -6.06 -12.19 -11.88
C TRP A 133 -6.63 -11.76 -13.21
N MET A 134 -5.78 -11.25 -14.11
CA MET A 134 -6.22 -10.95 -15.48
C MET A 134 -6.63 -12.22 -16.20
N ASP A 135 -5.84 -13.28 -16.04
CA ASP A 135 -6.19 -14.56 -16.64
C ASP A 135 -7.52 -15.06 -16.09
N GLU A 136 -7.65 -15.09 -14.76
CA GLU A 136 -8.90 -15.49 -14.13
C GLU A 136 -10.07 -14.64 -14.61
N PHE A 137 -9.88 -13.33 -14.73
CA PHE A 137 -10.95 -12.47 -15.20
C PHE A 137 -11.46 -12.92 -16.57
N GLN A 138 -10.56 -13.32 -17.48
CA GLN A 138 -11.01 -13.81 -18.78
C GLN A 138 -11.72 -15.14 -18.63
N LYS A 139 -11.16 -16.06 -17.83
CA LYS A 139 -11.77 -17.39 -17.66
C LYS A 139 -13.16 -17.30 -17.08
N LYS A 140 -13.41 -16.32 -16.21
CA LYS A 140 -14.71 -16.13 -15.58
C LYS A 140 -15.68 -15.31 -16.42
N GLY A 141 -15.35 -15.03 -17.68
CA GLY A 141 -16.26 -14.39 -18.60
C GLY A 141 -16.13 -12.89 -18.74
N GLY A 142 -15.11 -12.29 -18.14
CA GLY A 142 -14.91 -10.87 -18.30
C GLY A 142 -14.44 -10.56 -19.71
N GLU A 143 -14.74 -9.34 -20.17
CA GLU A 143 -14.29 -8.86 -21.48
C GLU A 143 -13.10 -7.94 -21.25
N LEU A 144 -11.90 -8.42 -21.54
CA LEU A 144 -10.67 -7.68 -21.36
C LEU A 144 -10.33 -7.01 -22.69
N VAL A 145 -10.17 -5.69 -22.66
CA VAL A 145 -9.86 -4.90 -23.86
C VAL A 145 -8.47 -4.30 -23.62
N PHE A 146 -7.57 -4.46 -24.59
CA PHE A 146 -6.19 -4.00 -24.41
C PHE A 146 -6.03 -2.68 -25.13
N LYS A 147 -5.99 -1.60 -24.34
CA LYS A 147 -5.80 -0.27 -24.88
C LYS A 147 -5.42 0.64 -23.73
N ASP A 148 -4.52 1.57 -24.00
CA ASP A 148 -4.24 2.72 -23.15
C ASP A 148 -5.43 3.66 -23.25
N ALA A 149 -6.35 3.54 -22.30
CA ALA A 149 -7.64 4.20 -22.40
C ALA A 149 -7.52 5.68 -22.07
N GLY A 150 -8.35 6.48 -22.75
CA GLY A 150 -8.44 7.90 -22.48
C GLY A 150 -9.87 8.39 -22.50
N ILE A 151 -10.07 9.69 -22.72
CA ILE A 151 -11.42 10.25 -22.64
C ILE A 151 -12.34 9.55 -23.62
N ASP A 152 -11.88 9.29 -24.84
CA ASP A 152 -12.76 8.68 -25.83
C ASP A 152 -13.32 7.35 -25.34
N GLU A 153 -12.49 6.55 -24.65
CA GLU A 153 -12.94 5.26 -24.15
C GLU A 153 -13.95 5.45 -23.03
N LEU A 154 -13.75 6.47 -22.18
CA LEU A 154 -14.70 6.74 -21.11
C LEU A 154 -16.03 7.22 -21.68
N GLU A 155 -15.98 8.05 -22.74
CA GLU A 155 -17.23 8.48 -23.37
C GLU A 155 -17.95 7.29 -23.99
N ALA A 156 -17.22 6.36 -24.61
CA ALA A 156 -17.86 5.19 -25.19
C ALA A 156 -18.43 4.28 -24.10
N CYS A 157 -17.64 4.03 -23.04
CA CYS A 157 -18.09 3.17 -21.95
C CYS A 157 -19.35 3.69 -21.28
N THR A 158 -19.41 5.00 -21.04
CA THR A 158 -20.55 5.57 -20.34
C THR A 158 -21.83 5.50 -21.15
N GLN A 159 -21.75 5.23 -22.45
CA GLN A 159 -22.95 5.08 -23.23
C GLN A 159 -23.46 3.65 -23.28
N SER A 160 -22.57 2.67 -23.11
CA SER A 160 -22.92 1.27 -23.26
C SER A 160 -22.89 0.51 -21.94
N HIS A 161 -22.50 1.15 -20.86
CA HIS A 161 -22.45 0.48 -19.56
C HIS A 161 -23.23 1.27 -18.52
N ASP A 162 -23.72 0.54 -17.51
CA ASP A 162 -24.54 1.15 -16.47
C ASP A 162 -23.71 1.94 -15.46
N LEU A 163 -22.42 1.60 -15.36
CA LEU A 163 -21.46 2.28 -14.51
C LEU A 163 -20.07 2.06 -15.07
N THR A 164 -19.26 3.13 -15.07
CA THR A 164 -17.87 3.12 -15.51
C THR A 164 -17.03 3.66 -14.37
N LEU A 165 -16.05 2.86 -13.94
CA LEU A 165 -15.12 3.20 -12.89
C LEU A 165 -13.72 3.37 -13.48
N VAL A 166 -12.98 4.30 -12.90
CA VAL A 166 -11.58 4.52 -13.24
C VAL A 166 -10.76 4.04 -12.05
N ALA A 167 -9.94 3.00 -12.28
CA ALA A 167 -9.09 2.36 -11.30
C ALA A 167 -7.66 2.30 -11.80
N SER A 168 -7.18 3.45 -12.28
CA SER A 168 -5.90 3.55 -12.97
C SER A 168 -4.75 3.95 -12.07
N GLY A 169 -4.91 3.82 -10.74
CA GLY A 169 -3.80 4.11 -9.88
C GLY A 169 -3.15 5.45 -10.09
N LYS A 170 -1.83 5.44 -10.34
CA LYS A 170 -1.06 6.65 -10.53
C LYS A 170 -0.96 7.04 -12.00
N GLY A 171 -1.77 6.44 -12.87
CA GLY A 171 -1.70 6.78 -14.30
C GLY A 171 -2.19 8.18 -14.58
N GLU A 172 -1.80 8.69 -15.76
CA GLU A 172 -2.12 10.08 -16.05
C GLU A 172 -3.63 10.32 -16.08
N ILE A 173 -4.42 9.33 -16.51
CA ILE A 173 -5.85 9.53 -16.61
C ILE A 173 -6.49 9.78 -15.24
N SER A 174 -5.81 9.42 -14.16
CA SER A 174 -6.34 9.67 -12.83
C SER A 174 -6.51 11.15 -12.56
N LYS A 175 -5.81 12.01 -13.32
CA LYS A 175 -5.91 13.45 -13.14
C LYS A 175 -7.17 14.05 -13.72
N LEU A 176 -8.02 13.25 -14.39
CA LEU A 176 -9.34 13.73 -14.74
C LEU A 176 -10.12 14.14 -13.50
N PHE A 177 -9.85 13.48 -12.36
CA PHE A 177 -10.52 13.80 -11.12
C PHE A 177 -9.87 14.99 -10.44
N GLU A 178 -10.71 15.88 -9.93
CA GLU A 178 -10.23 17.13 -9.35
C GLU A 178 -9.61 16.88 -8.00
N ARG A 179 -8.43 17.45 -7.79
CA ARG A 179 -7.79 17.33 -6.49
C ARG A 179 -8.63 18.02 -5.42
N ASP A 180 -8.74 17.35 -4.26
CA ASP A 180 -9.52 17.87 -3.13
C ASP A 180 -8.50 18.54 -2.21
N ALA A 181 -8.44 19.87 -2.27
CA ALA A 181 -7.41 20.60 -1.54
C ALA A 181 -7.57 20.43 -0.04
N HIS A 182 -8.82 20.46 0.45
CA HIS A 182 -9.02 20.40 1.89
C HIS A 182 -8.60 19.05 2.47
N LYS A 183 -8.72 17.97 1.71
CA LYS A 183 -8.31 16.64 2.15
C LYS A 183 -6.87 16.32 1.81
N SER A 184 -6.18 17.24 1.11
CA SER A 184 -4.78 17.04 0.71
C SER A 184 -3.88 18.09 1.34
N PRO A 185 -3.33 17.84 2.53
CA PRO A 185 -2.43 18.81 3.14
C PRO A 185 -1.12 19.01 2.40
N TYR A 186 -0.69 18.06 1.57
CA TYR A 186 0.58 18.14 0.87
C TYR A 186 0.33 18.34 -0.63
N ASP A 187 1.14 19.19 -1.25
CA ASP A 187 1.14 19.35 -2.71
C ASP A 187 2.50 19.02 -3.31
N LYS A 188 3.40 18.42 -2.55
CA LYS A 188 4.72 18.00 -2.99
C LYS A 188 5.03 16.65 -2.37
N PRO A 189 5.89 15.86 -2.99
CA PRO A 189 6.30 14.59 -2.37
C PRO A 189 6.97 14.87 -1.03
N GLN A 190 6.68 14.02 -0.04
CA GLN A 190 7.27 14.15 1.28
C GLN A 190 8.39 13.15 1.54
N ARG A 191 8.54 12.14 0.65
CA ARG A 191 9.63 11.19 0.72
C ARG A 191 10.10 10.81 -0.68
N ALA A 192 11.39 10.53 -0.79
CA ALA A 192 11.97 9.87 -1.96
C ALA A 192 11.97 8.36 -1.71
N LEU A 193 11.33 7.62 -2.62
CA LEU A 193 11.06 6.20 -2.46
C LEU A 193 12.01 5.34 -3.28
N ALA A 194 12.26 4.13 -2.77
CA ALA A 194 12.97 3.11 -3.53
C ALA A 194 12.62 1.73 -2.99
N LEU A 195 12.60 0.76 -3.90
CA LEU A 195 12.41 -0.64 -3.58
C LEU A 195 13.55 -1.48 -4.11
N THR A 196 13.89 -2.54 -3.37
CA THR A 196 14.91 -3.51 -3.78
C THR A 196 14.49 -4.90 -3.35
N TYR A 197 14.14 -5.75 -4.32
CA TYR A 197 13.76 -7.13 -4.05
C TYR A 197 15.03 -7.97 -4.07
N VAL A 198 15.29 -8.72 -2.99
CA VAL A 198 16.56 -9.41 -2.87
C VAL A 198 16.35 -10.85 -2.41
N LYS A 199 17.24 -11.71 -2.88
CA LYS A 199 17.42 -13.06 -2.36
C LYS A 199 18.65 -13.09 -1.47
N GLY A 200 18.67 -14.03 -0.52
CA GLY A 200 19.87 -14.28 0.26
C GLY A 200 19.91 -13.63 1.63
N MET A 201 18.91 -12.84 1.98
CA MET A 201 18.94 -12.15 3.26
C MET A 201 18.73 -13.17 4.36
N ALA A 202 19.51 -13.03 5.43
CA ALA A 202 19.33 -13.88 6.61
C ALA A 202 17.91 -13.76 7.12
N PRO A 203 17.16 -14.87 7.26
CA PRO A 203 15.80 -14.77 7.77
C PRO A 203 15.79 -14.23 9.19
N ARG A 204 14.74 -13.49 9.51
CA ARG A 204 14.56 -12.98 10.88
C ARG A 204 14.14 -14.10 11.81
N GLU A 205 14.76 -14.13 12.98
CA GLU A 205 14.40 -15.06 14.04
C GLU A 205 13.98 -14.30 15.29
N PRO A 206 13.10 -14.88 16.11
CA PRO A 206 12.47 -16.19 15.96
C PRO A 206 11.16 -16.14 15.21
N PHE A 207 10.79 -14.96 14.70
CA PHE A 207 9.62 -14.84 13.86
C PHE A 207 9.90 -13.74 12.83
N SER A 208 9.23 -13.83 11.70
CA SER A 208 9.35 -12.81 10.66
C SER A 208 8.57 -11.55 11.07
N ALA A 209 8.99 -10.43 10.49
CA ALA A 209 8.35 -9.17 10.83
C ALA A 209 8.63 -8.14 9.75
N VAL A 210 7.83 -7.08 9.75
CA VAL A 210 8.21 -5.84 9.07
C VAL A 210 9.19 -5.16 10.03
N CYS A 211 10.46 -5.10 9.63
CA CYS A 211 11.51 -4.49 10.44
C CYS A 211 11.60 -3.02 10.08
N MET A 212 10.94 -2.16 10.87
CA MET A 212 10.97 -0.73 10.62
C MET A 212 12.20 -0.11 11.29
N ASN A 213 12.91 0.75 10.58
CA ASN A 213 14.07 1.45 11.13
C ASN A 213 13.82 2.93 10.87
N LEU A 214 13.62 3.70 11.93
CA LEU A 214 13.37 5.13 11.84
C LEU A 214 14.68 5.88 12.11
N ILE A 215 15.17 6.58 11.08
CA ILE A 215 16.43 7.32 11.17
C ILE A 215 16.06 8.78 11.37
N PRO A 216 16.23 9.34 12.58
CA PRO A 216 15.71 10.69 12.84
C PRO A 216 16.18 11.71 11.82
N GLY A 217 15.21 12.39 11.22
CA GLY A 217 15.46 13.47 10.29
C GLY A 217 15.98 13.05 8.94
N VAL A 218 16.19 11.76 8.72
CA VAL A 218 16.76 11.25 7.47
C VAL A 218 15.73 10.45 6.68
N GLY A 219 15.15 9.44 7.29
CA GLY A 219 14.19 8.61 6.59
C GLY A 219 13.97 7.29 7.29
N GLU A 220 13.53 6.30 6.50
CA GLU A 220 13.04 5.06 7.06
C GLU A 220 13.42 3.91 6.12
N TYR A 221 13.73 2.77 6.71
CA TYR A 221 14.02 1.53 5.99
C TYR A 221 13.12 0.46 6.60
N PHE A 222 12.34 -0.20 5.76
CA PHE A 222 11.47 -1.31 6.14
C PHE A 222 11.89 -2.53 5.32
N VAL A 223 11.81 -3.71 5.91
CA VAL A 223 12.19 -4.95 5.22
C VAL A 223 11.38 -6.12 5.75
N PHE A 224 10.91 -6.97 4.84
CA PHE A 224 10.07 -8.10 5.22
C PHE A 224 10.06 -9.12 4.10
N PRO A 225 9.77 -10.36 4.41
CA PRO A 225 9.67 -11.40 3.38
C PRO A 225 8.43 -11.28 2.51
N ALA A 226 8.55 -11.76 1.26
CA ALA A 226 7.50 -11.62 0.26
C ALA A 226 7.64 -12.76 -0.76
N LEU A 227 6.71 -12.81 -1.73
CA LEU A 227 6.81 -13.79 -2.80
C LEU A 227 6.87 -13.04 -4.13
N THR A 228 7.88 -13.34 -4.95
CA THR A 228 7.96 -12.73 -6.27
C THR A 228 8.04 -13.77 -7.37
N THR A 229 8.34 -13.31 -8.60
CA THR A 229 8.24 -14.21 -9.75
C THR A 229 9.32 -15.28 -9.76
N THR A 230 10.40 -15.10 -8.99
CA THR A 230 11.45 -16.11 -8.86
C THR A 230 11.42 -16.83 -7.51
N GLY A 231 10.35 -16.67 -6.75
CA GLY A 231 10.20 -17.37 -5.48
C GLY A 231 10.24 -16.43 -4.31
N PRO A 232 10.35 -17.01 -3.11
CA PRO A 232 10.39 -16.18 -1.92
C PRO A 232 11.59 -15.24 -1.90
N CYS A 233 11.37 -14.03 -1.39
CA CYS A 233 12.44 -13.05 -1.26
C CYS A 233 12.20 -12.21 -0.03
N GLU A 234 12.99 -11.15 0.10
CA GLU A 234 12.68 -10.05 1.01
C GLU A 234 12.67 -8.75 0.20
N ILE A 235 11.80 -7.83 0.60
CA ILE A 235 11.67 -6.53 -0.05
C ILE A 235 12.24 -5.48 0.87
N MET A 236 13.24 -4.75 0.37
CA MET A 236 13.78 -3.58 1.04
C MET A 236 13.02 -2.37 0.55
N VAL A 237 12.57 -1.53 1.49
CA VAL A 237 11.80 -0.34 1.23
C VAL A 237 12.55 0.84 1.83
N PHE A 238 12.89 1.81 1.01
CA PHE A 238 13.61 2.97 1.47
C PHE A 238 12.75 4.22 1.25
N GLU A 239 12.69 5.08 2.27
CA GLU A 239 11.99 6.35 2.20
C GLU A 239 12.92 7.41 2.78
N GLY A 240 13.19 8.46 2.02
CA GLY A 240 14.14 9.48 2.45
C GLY A 240 13.51 10.86 2.46
N VAL A 241 13.83 11.65 3.48
CA VAL A 241 13.42 13.04 3.55
C VAL A 241 14.04 13.73 2.36
N PRO A 242 13.24 14.37 1.50
CA PRO A 242 13.80 14.98 0.28
C PRO A 242 14.99 15.88 0.58
N GLY A 243 15.99 15.82 -0.31
CA GLY A 243 17.21 16.57 -0.12
C GLY A 243 18.20 15.97 0.84
N GLY A 244 17.84 14.86 1.51
CA GLY A 244 18.68 14.29 2.54
C GLY A 244 19.51 13.11 2.07
N PRO A 245 20.20 12.46 3.02
CA PRO A 245 21.13 11.37 2.64
C PRO A 245 20.44 10.14 2.06
N MET A 246 19.15 9.93 2.35
CA MET A 246 18.37 8.83 1.77
C MET A 246 17.55 9.28 0.56
N ASP A 247 17.79 10.50 0.07
CA ASP A 247 17.28 10.94 -1.24
C ASP A 247 18.43 10.77 -2.23
N CYS A 248 18.73 9.50 -2.51
CA CYS A 248 20.05 9.13 -3.00
C CYS A 248 19.98 8.21 -4.22
N TRP A 249 18.93 8.34 -5.04
CA TRP A 249 18.72 7.42 -6.15
C TRP A 249 18.87 8.08 -7.50
N ALA A 250 19.09 9.39 -7.54
CA ALA A 250 19.11 10.10 -8.82
C ALA A 250 20.29 9.71 -9.67
N ASP A 251 21.43 9.41 -9.06
CA ASP A 251 22.62 9.02 -9.78
C ASP A 251 22.71 7.52 -10.01
N VAL A 252 21.67 6.78 -9.68
CA VAL A 252 21.68 5.32 -9.82
C VAL A 252 21.07 4.96 -11.17
N LYS A 253 21.89 4.33 -12.03
CA LYS A 253 21.49 4.07 -13.40
C LYS A 253 21.56 2.60 -13.82
N THR A 254 21.98 1.68 -12.96
CA THR A 254 22.07 0.28 -13.32
C THR A 254 21.60 -0.55 -12.14
N PRO A 255 21.13 -1.78 -12.37
CA PRO A 255 20.72 -2.62 -11.23
C PRO A 255 21.84 -2.83 -10.24
N GLU A 256 23.09 -2.95 -10.72
CA GLU A 256 24.22 -3.13 -9.83
C GLU A 256 24.45 -1.90 -8.96
N GLU A 257 24.35 -0.71 -9.55
CA GLU A 257 24.41 0.52 -8.76
C GLU A 257 23.26 0.62 -7.76
N HIS A 258 22.08 0.10 -8.12
CA HIS A 258 20.94 0.15 -7.22
C HIS A 258 21.16 -0.78 -6.04
N LEU A 259 21.68 -1.98 -6.29
CA LEU A 259 21.95 -2.88 -5.15
C LEU A 259 23.04 -2.30 -4.25
N ALA A 260 24.07 -1.70 -4.85
CA ALA A 260 25.15 -1.10 -4.07
C ALA A 260 24.62 0.03 -3.20
N ARG A 261 23.78 0.89 -3.78
CA ARG A 261 23.23 2.00 -3.01
C ARG A 261 22.41 1.49 -1.84
N SER A 262 21.62 0.44 -2.07
CA SER A 262 20.81 -0.17 -1.02
C SER A 262 21.68 -0.61 0.14
N LYS A 263 22.78 -1.31 -0.15
CA LYS A 263 23.67 -1.74 0.92
C LYS A 263 24.36 -0.55 1.60
N TRP A 264 24.67 0.51 0.84
CA TRP A 264 25.29 1.67 1.45
C TRP A 264 24.40 2.29 2.51
N ILE A 265 23.09 2.36 2.25
CA ILE A 265 22.17 2.90 3.26
C ILE A 265 22.25 2.09 4.55
N LEU A 266 22.17 0.77 4.43
CA LEU A 266 22.21 -0.08 5.63
C LEU A 266 23.55 0.06 6.36
N ASP A 267 24.65 0.02 5.62
CA ASP A 267 25.97 0.16 6.25
C ASP A 267 26.09 1.50 6.97
N THR A 268 25.50 2.55 6.41
CA THR A 268 25.65 3.89 6.98
C THR A 268 24.69 4.13 8.14
N PHE A 269 23.46 3.64 8.05
CA PHE A 269 22.44 4.00 9.01
C PHE A 269 21.91 2.84 9.84
N THR A 270 21.92 1.61 9.34
CA THR A 270 21.36 0.48 10.08
C THR A 270 22.31 -0.71 10.03
N PRO A 271 23.49 -0.60 10.64
CA PRO A 271 24.47 -1.67 10.52
C PRO A 271 23.98 -2.99 11.07
N TRP A 272 23.01 -2.96 11.99
CA TRP A 272 22.45 -4.20 12.51
C TRP A 272 21.67 -4.96 11.44
N GLU A 273 21.10 -4.23 10.46
CA GLU A 273 20.43 -4.89 9.34
C GLU A 273 21.45 -5.31 8.28
N ALA A 274 22.56 -4.58 8.17
CA ALA A 274 23.60 -4.99 7.23
C ALA A 274 24.13 -6.39 7.55
N GLU A 275 24.10 -6.78 8.84
CA GLU A 275 24.60 -8.11 9.20
C GLU A 275 23.79 -9.21 8.53
N ARG A 276 22.52 -8.92 8.21
CA ARG A 276 21.68 -9.89 7.56
C ARG A 276 21.90 -9.94 6.06
N CYS A 277 22.68 -9.00 5.51
CA CYS A 277 22.70 -8.74 4.07
C CYS A 277 24.07 -8.99 3.45
N LYS A 278 24.94 -9.75 4.11
CA LYS A 278 26.27 -9.95 3.54
C LYS A 278 26.23 -10.65 2.19
N ASP A 279 25.15 -11.38 1.89
CA ASP A 279 25.11 -12.19 0.67
C ASP A 279 23.87 -11.92 -0.18
N ILE A 280 23.31 -10.72 -0.12
CA ILE A 280 22.08 -10.45 -0.86
C ILE A 280 22.40 -10.24 -2.33
N GLU A 281 21.43 -10.59 -3.17
N GLU A 281 21.44 -10.61 -3.17
CA GLU A 281 21.49 -10.36 -4.62
CA GLU A 281 21.48 -10.37 -4.61
C GLU A 281 20.08 -10.00 -5.07
C GLU A 281 20.08 -9.98 -5.05
N LEU A 282 19.98 -9.22 -6.13
CA LEU A 282 18.65 -8.90 -6.64
C LEU A 282 17.94 -10.18 -7.05
N THR A 283 16.64 -10.20 -6.85
CA THR A 283 15.83 -11.30 -7.37
C THR A 283 15.92 -11.33 -8.88
N ASP A 284 15.97 -10.15 -9.46
CA ASP A 284 16.03 -9.99 -10.92
C ASP A 284 16.38 -8.53 -11.19
N ASP A 285 16.81 -8.22 -12.41
CA ASP A 285 17.23 -6.85 -12.65
C ASP A 285 16.08 -5.87 -12.60
N ASN A 286 14.84 -6.32 -12.79
CA ASN A 286 13.69 -5.42 -12.70
C ASN A 286 13.08 -5.40 -11.31
N GLY A 287 13.74 -5.98 -10.34
CA GLY A 287 13.27 -6.00 -8.98
C GLY A 287 13.66 -4.75 -8.21
N ILE A 288 13.64 -3.62 -8.87
CA ILE A 288 14.10 -2.35 -8.32
C ILE A 288 13.13 -1.26 -8.72
N LEU A 289 13.08 -0.20 -7.91
CA LEU A 289 12.19 0.93 -8.18
C LEU A 289 12.77 2.16 -7.48
N ALA A 290 12.61 3.33 -8.12
CA ALA A 290 12.87 4.60 -7.48
C ALA A 290 11.89 5.63 -8.02
N GLY A 291 11.30 6.40 -7.12
CA GLY A 291 10.31 7.40 -7.51
C GLY A 291 9.83 8.19 -6.31
N ARG A 292 8.80 9.00 -6.54
CA ARG A 292 8.19 9.81 -5.49
C ARG A 292 6.89 10.39 -6.01
N PHE A 293 5.98 10.69 -5.10
CA PHE A 293 4.74 11.35 -5.46
C PHE A 293 4.17 12.09 -4.26
N ALA A 294 3.34 13.10 -4.55
CA ALA A 294 2.68 13.86 -3.52
C ALA A 294 1.41 13.14 -3.07
N PRO A 295 1.23 12.92 -1.76
CA PRO A 295 -0.06 12.40 -1.31
C PRO A 295 -1.17 13.28 -1.84
N THR A 296 -2.24 12.65 -2.32
CA THR A 296 -3.33 13.37 -2.94
C THR A 296 -4.64 12.66 -2.67
N VAL A 297 -5.67 13.44 -2.33
CA VAL A 297 -7.06 13.00 -2.33
C VAL A 297 -7.80 13.78 -3.40
N ARG A 298 -8.66 13.09 -4.15
CA ARG A 298 -9.41 13.68 -5.24
C ARG A 298 -10.90 13.48 -5.01
N LYS A 299 -11.68 14.32 -5.69
CA LYS A 299 -13.13 14.16 -5.70
C LYS A 299 -13.50 12.95 -6.56
N PRO A 300 -14.48 12.16 -6.13
CA PRO A 300 -14.65 10.84 -6.76
C PRO A 300 -15.42 10.84 -8.07
N VAL A 301 -16.21 11.88 -8.35
CA VAL A 301 -17.04 11.94 -9.55
C VAL A 301 -16.38 12.88 -10.53
N ALA A 302 -16.03 12.34 -11.69
CA ALA A 302 -15.55 13.17 -12.79
C ALA A 302 -16.60 13.27 -13.88
N THR A 303 -16.75 14.48 -14.43
CA THR A 303 -17.70 14.73 -15.49
C THR A 303 -16.98 14.83 -16.84
N LEU A 304 -17.42 14.03 -17.78
CA LEU A 304 -16.82 13.99 -19.11
C LEU A 304 -17.30 15.17 -19.92
N PRO A 305 -16.66 15.44 -21.05
CA PRO A 305 -17.14 16.52 -21.93
C PRO A 305 -18.59 16.35 -22.34
N SER A 306 -19.06 15.11 -22.50
CA SER A 306 -20.45 14.87 -22.85
C SER A 306 -21.41 15.22 -21.73
N GLY A 307 -20.91 15.33 -20.50
CA GLY A 307 -21.73 15.48 -19.33
C GLY A 307 -21.96 14.20 -18.57
N ARG A 308 -21.61 13.04 -19.14
CA ARG A 308 -21.71 11.79 -18.43
C ARG A 308 -20.61 11.70 -17.38
N LYS A 309 -20.79 10.78 -16.41
CA LYS A 309 -20.00 10.75 -15.19
C LYS A 309 -19.30 9.40 -15.04
N VAL A 310 -18.16 9.44 -14.35
CA VAL A 310 -17.38 8.26 -14.02
C VAL A 310 -16.96 8.36 -12.55
N LEU A 311 -16.69 7.22 -11.95
CA LEU A 311 -16.40 7.10 -10.52
C LEU A 311 -15.00 6.60 -10.32
N GLY A 312 -14.20 7.33 -9.54
CA GLY A 312 -12.84 6.91 -9.25
C GLY A 312 -12.74 5.93 -8.09
N LEU A 313 -11.74 5.04 -8.18
CA LEU A 313 -11.58 3.95 -7.22
C LEU A 313 -10.15 3.90 -6.69
N ALA A 314 -10.03 3.67 -5.38
CA ALA A 314 -8.73 3.37 -4.77
C ALA A 314 -7.73 4.49 -4.97
N ASP A 315 -6.53 4.22 -5.51
CA ASP A 315 -5.49 5.24 -5.56
C ASP A 315 -5.84 6.44 -6.44
N VAL A 316 -6.83 6.32 -7.32
CA VAL A 316 -7.30 7.47 -8.11
C VAL A 316 -7.84 8.55 -7.18
N VAL A 317 -8.49 8.14 -6.09
CA VAL A 317 -9.18 9.09 -5.23
C VAL A 317 -8.48 9.30 -3.89
N VAL A 318 -7.74 8.29 -3.40
CA VAL A 318 -6.99 8.43 -2.14
C VAL A 318 -5.63 7.80 -2.35
N LEU A 319 -4.60 8.62 -2.49
CA LEU A 319 -3.23 8.20 -2.77
C LEU A 319 -2.36 8.65 -1.61
N ASN A 320 -1.86 7.68 -0.84
CA ASN A 320 -1.02 7.97 0.31
C ASN A 320 0.42 7.55 0.03
N ASP A 321 1.35 8.25 0.66
CA ASP A 321 2.73 7.84 0.64
C ASP A 321 2.84 6.45 1.27
N PRO A 322 3.75 5.60 0.80
CA PRO A 322 3.78 4.22 1.26
C PRO A 322 4.32 4.00 2.66
N ILE A 323 4.65 5.05 3.40
CA ILE A 323 5.41 4.90 4.64
C ILE A 323 4.70 4.02 5.66
N THR A 324 3.37 3.93 5.61
CA THR A 324 2.61 3.12 6.56
C THR A 324 2.18 1.78 5.98
N GLY A 325 2.58 1.47 4.76
CA GLY A 325 2.24 0.17 4.20
C GLY A 325 0.74 -0.03 3.98
N GLN A 326 0.03 0.99 3.49
CA GLN A 326 -1.43 0.91 3.46
C GLN A 326 -2.11 0.93 2.09
N GLY A 327 -1.43 1.25 1.00
CA GLY A 327 -2.17 1.48 -0.23
C GLY A 327 -2.89 0.25 -0.75
N SER A 328 -2.18 -0.90 -0.79
CA SER A 328 -2.83 -2.14 -1.22
C SER A 328 -3.93 -2.55 -0.25
N ASN A 329 -3.68 -2.33 1.03
CA ASN A 329 -4.72 -2.61 2.00
C ASN A 329 -5.94 -1.74 1.73
N ASN A 330 -5.70 -0.44 1.50
CA ASN A 330 -6.78 0.46 1.14
C ASN A 330 -7.46 0.01 -0.15
N ALA A 331 -6.67 -0.42 -1.15
CA ALA A 331 -7.27 -0.80 -2.43
C ALA A 331 -8.23 -1.96 -2.27
N ALA A 332 -7.90 -2.94 -1.43
CA ALA A 332 -8.74 -4.12 -1.23
C ALA A 332 -9.99 -3.76 -0.42
N LYS A 333 -9.83 -2.89 0.56
CA LYS A 333 -10.97 -2.43 1.35
C LYS A 333 -11.85 -1.49 0.54
N CYS A 334 -11.25 -0.68 -0.36
CA CYS A 334 -12.05 0.23 -1.19
C CYS A 334 -12.86 -0.56 -2.20
N ALA A 335 -12.23 -1.56 -2.84
CA ALA A 335 -12.97 -2.36 -3.80
C ALA A 335 -14.04 -3.18 -3.11
N ASP A 336 -13.82 -3.58 -1.85
CA ASP A 336 -14.86 -4.31 -1.11
C ASP A 336 -16.06 -3.41 -0.81
N THR A 337 -15.79 -2.21 -0.35
CA THR A 337 -16.86 -1.23 -0.10
C THR A 337 -17.61 -0.89 -1.37
N TYR A 338 -16.90 -0.69 -2.47
CA TYR A 338 -17.59 -0.36 -3.71
C TYR A 338 -18.41 -1.54 -4.23
N LEU A 339 -17.87 -2.75 -4.14
CA LEU A 339 -18.64 -3.93 -4.54
C LEU A 339 -19.94 -4.04 -3.76
N LYS A 340 -19.85 -3.96 -2.42
CA LYS A 340 -21.03 -4.03 -1.59
C LYS A 340 -22.03 -2.96 -1.96
N SER A 341 -21.54 -1.75 -2.29
CA SER A 341 -22.43 -0.66 -2.64
C SER A 341 -23.15 -0.93 -3.96
N ILE A 342 -22.42 -1.45 -4.95
CA ILE A 342 -23.03 -1.82 -6.22
C ILE A 342 -24.11 -2.87 -6.01
N LEU A 343 -23.79 -3.94 -5.26
CA LEU A 343 -24.76 -5.02 -5.10
C LEU A 343 -26.00 -4.51 -4.35
N ALA A 344 -25.79 -3.66 -3.34
CA ALA A 344 -26.92 -3.11 -2.59
C ALA A 344 -27.77 -2.20 -3.45
N ARG A 345 -27.16 -1.55 -4.44
CA ARG A 345 -27.92 -0.67 -5.31
C ARG A 345 -28.81 -1.45 -6.26
N GLY A 346 -28.43 -2.69 -6.61
CA GLY A 346 -29.31 -3.53 -7.39
C GLY A 346 -29.60 -2.94 -8.76
N ASP A 347 -30.88 -2.82 -9.10
CA ASP A 347 -31.30 -2.27 -10.37
C ASP A 347 -31.31 -0.74 -10.39
N GLY A 348 -30.97 -0.10 -9.27
CA GLY A 348 -30.98 1.34 -9.21
C GLY A 348 -29.88 1.97 -10.05
N ALA A 349 -30.10 3.21 -10.46
CA ALA A 349 -29.13 3.89 -11.31
C ALA A 349 -27.89 4.24 -10.52
N ALA A 350 -26.74 4.09 -11.18
CA ALA A 350 -25.45 4.49 -10.60
C ALA A 350 -25.20 5.97 -10.92
N ASP A 351 -26.00 6.83 -10.29
CA ASP A 351 -25.93 8.27 -10.54
C ASP A 351 -24.84 8.94 -9.70
N ALA A 352 -24.68 10.24 -9.92
CA ALA A 352 -23.60 10.97 -9.26
C ALA A 352 -23.77 10.92 -7.75
N ALA A 353 -25.00 11.02 -7.28
CA ALA A 353 -25.26 10.96 -5.84
C ALA A 353 -24.82 9.63 -5.27
N TRP A 354 -25.21 8.53 -5.92
CA TRP A 354 -24.78 7.21 -5.49
C TRP A 354 -23.27 7.09 -5.52
N MET A 355 -22.63 7.58 -6.61
CA MET A 355 -21.18 7.53 -6.68
C MET A 355 -20.57 8.25 -5.49
N GLN A 356 -21.05 9.44 -5.19
CA GLN A 356 -20.44 10.26 -4.16
C GLN A 356 -20.64 9.62 -2.80
N GLN A 357 -21.82 9.06 -2.54
CA GLN A 357 -22.08 8.43 -1.25
C GLN A 357 -21.20 7.20 -1.05
N THR A 358 -20.99 6.44 -2.12
CA THR A 358 -20.09 5.29 -2.06
C THR A 358 -18.70 5.71 -1.63
N PHE A 359 -18.15 6.74 -2.27
CA PHE A 359 -16.86 7.25 -1.82
C PHE A 359 -16.93 7.77 -0.38
N ASP A 360 -17.95 8.58 -0.06
CA ASP A 360 -18.06 9.14 1.28
C ASP A 360 -18.00 8.03 2.33
N ARG A 361 -18.60 6.88 2.03
CA ARG A 361 -18.59 5.81 3.03
C ARG A 361 -17.18 5.27 3.22
N TYR A 362 -16.45 5.09 2.12
CA TYR A 362 -15.04 4.72 2.18
C TYR A 362 -14.22 5.78 2.93
N TRP A 363 -14.39 7.06 2.58
CA TRP A 363 -13.55 8.11 3.16
C TRP A 363 -13.89 8.36 4.63
N PHE A 364 -15.12 8.80 4.89
CA PHE A 364 -15.48 9.15 6.26
C PHE A 364 -15.42 7.92 7.15
N GLY A 365 -15.76 6.74 6.63
CA GLY A 365 -15.79 5.55 7.47
C GLY A 365 -14.42 4.96 7.76
N TYR A 366 -13.45 5.18 6.88
CA TYR A 366 -12.17 4.48 6.96
C TYR A 366 -10.99 5.30 6.48
N ALA A 367 -10.98 5.67 5.21
CA ALA A 367 -9.74 6.18 4.63
C ALA A 367 -9.31 7.52 5.20
N GLN A 368 -10.24 8.33 5.71
CA GLN A 368 -9.81 9.59 6.31
C GLN A 368 -8.85 9.34 7.47
N TRP A 369 -9.07 8.25 8.21
CA TRP A 369 -8.20 7.99 9.34
C TRP A 369 -6.86 7.39 8.92
N VAL A 370 -6.85 6.46 7.95
CA VAL A 370 -5.59 6.00 7.39
C VAL A 370 -4.79 7.20 6.87
N THR A 371 -5.47 8.14 6.19
CA THR A 371 -4.78 9.24 5.53
C THR A 371 -4.23 10.24 6.53
N GLN A 372 -5.03 10.58 7.56
CA GLN A 372 -4.55 11.53 8.56
C GLN A 372 -3.35 10.97 9.31
N TRP A 373 -3.42 9.67 9.65
CA TRP A 373 -2.32 9.01 10.36
C TRP A 373 -1.05 9.00 9.53
N THR A 374 -1.16 8.63 8.24
CA THR A 374 0.01 8.55 7.38
C THR A 374 0.62 9.93 7.18
N ASN A 375 -0.23 10.94 6.93
CA ASN A 375 0.27 12.30 6.71
C ASN A 375 0.92 12.87 7.95
N MET A 376 0.46 12.49 9.14
CA MET A 376 1.14 12.93 10.34
C MET A 376 2.53 12.31 10.43
N LEU A 377 2.63 11.01 10.14
CA LEU A 377 3.90 10.30 10.26
C LEU A 377 4.93 10.78 9.26
N LEU A 378 4.50 11.43 8.18
CA LEU A 378 5.46 11.97 7.22
C LEU A 378 6.14 13.22 7.77
N ALA A 379 5.46 13.94 8.67
CA ALA A 379 6.06 15.10 9.27
C ALA A 379 6.96 14.70 10.42
N PRO A 380 7.85 15.59 10.87
CA PRO A 380 8.72 15.26 12.01
C PRO A 380 7.89 14.85 13.21
N PRO A 381 8.32 13.83 13.95
CA PRO A 381 7.49 13.33 15.07
C PRO A 381 7.55 14.27 16.26
N PRO A 382 6.40 14.57 16.87
CA PRO A 382 6.39 15.40 18.06
C PRO A 382 6.86 14.61 19.28
N PRO A 383 7.17 15.30 20.37
CA PRO A 383 7.71 14.60 21.56
C PRO A 383 6.83 13.48 22.06
N HIS A 384 5.52 13.66 22.08
CA HIS A 384 4.67 12.61 22.62
C HIS A 384 4.71 11.36 21.76
N VAL A 385 5.03 11.50 20.48
CA VAL A 385 5.17 10.32 19.64
C VAL A 385 6.46 9.60 19.97
N LEU A 386 7.54 10.34 20.16
CA LEU A 386 8.80 9.69 20.51
C LEU A 386 8.65 8.98 21.86
N ASN A 387 7.87 9.56 22.78
CA ASN A 387 7.64 8.90 24.06
C ASN A 387 6.84 7.61 23.87
N LEU A 388 5.82 7.63 23.03
CA LEU A 388 5.08 6.42 22.71
C LEU A 388 6.01 5.33 22.18
N LEU A 389 6.87 5.68 21.21
CA LEU A 389 7.76 4.68 20.63
C LEU A 389 8.70 4.10 21.67
N GLY A 390 9.23 4.94 22.56
CA GLY A 390 10.07 4.42 23.63
C GLY A 390 9.29 3.58 24.62
N SER A 391 8.11 4.05 25.01
CA SER A 391 7.30 3.32 25.99
C SER A 391 6.87 1.97 25.46
N ALA A 392 6.63 1.87 24.15
CA ALA A 392 6.23 0.59 23.56
C ALA A 392 7.29 -0.48 23.80
N GLY A 393 8.55 -0.07 23.95
CA GLY A 393 9.63 -1.02 24.15
C GLY A 393 9.64 -1.60 25.55
N ALA A 394 8.94 -0.97 26.47
CA ALA A 394 8.89 -1.41 27.86
C ALA A 394 7.48 -1.76 28.33
N VAL A 395 6.48 -1.65 27.45
CA VAL A 395 5.08 -1.94 27.74
C VAL A 395 4.56 -2.81 26.60
N PRO A 396 4.67 -4.12 26.69
CA PRO A 396 4.36 -4.99 25.54
C PRO A 396 2.93 -4.85 25.02
N PRO A 397 1.93 -4.62 25.86
CA PRO A 397 0.58 -4.39 25.32
C PRO A 397 0.53 -3.19 24.37
N LEU A 398 1.34 -2.16 24.63
CA LEU A 398 1.37 -1.00 23.75
C LEU A 398 2.07 -1.33 22.45
N ALA A 399 3.15 -2.12 22.50
CA ALA A 399 3.78 -2.54 21.25
C ALA A 399 2.82 -3.38 20.41
N SER A 400 2.02 -4.22 21.07
CA SER A 400 1.04 -5.03 20.36
CA SER A 400 1.04 -5.03 20.36
C SER A 400 -0.06 -4.17 19.75
N ALA A 401 -0.48 -3.13 20.46
CA ALA A 401 -1.49 -2.24 19.91
C ALA A 401 -0.96 -1.51 18.70
N PHE A 402 0.29 -1.05 18.79
CA PHE A 402 0.92 -0.40 17.66
C PHE A 402 0.96 -1.33 16.46
N ALA A 403 1.49 -2.54 16.63
CA ALA A 403 1.63 -3.45 15.51
C ALA A 403 0.29 -3.79 14.87
N ASN A 404 -0.69 -4.15 15.69
CA ASN A 404 -1.97 -4.58 15.14
C ASN A 404 -2.75 -3.40 14.61
N GLY A 405 -2.41 -2.17 15.01
CA GLY A 405 -3.07 -1.02 14.42
C GLY A 405 -2.86 -0.95 12.93
N PHE A 406 -1.83 -1.61 12.42
CA PHE A 406 -1.61 -1.55 10.97
C PHE A 406 -2.70 -2.31 10.21
N ASP A 407 -3.42 -3.21 10.84
CA ASP A 407 -4.57 -3.87 10.24
C ASP A 407 -5.82 -3.00 10.23
N ASP A 408 -5.85 -1.93 11.02
CA ASP A 408 -7.02 -1.06 11.08
C ASP A 408 -6.55 0.22 11.76
N PRO A 409 -6.04 1.19 11.01
CA PRO A 409 -5.46 2.38 11.64
C PRO A 409 -6.46 3.26 12.33
N ARG A 410 -7.77 3.01 12.21
CA ARG A 410 -8.72 3.74 13.02
C ARG A 410 -8.39 3.57 14.49
N THR A 411 -7.74 2.45 14.85
CA THR A 411 -7.50 2.13 16.26
C THR A 411 -6.37 2.97 16.88
N PHE A 412 -5.69 3.80 16.12
CA PHE A 412 -4.68 4.73 16.60
C PHE A 412 -5.29 6.01 17.14
N PHE A 413 -6.55 6.27 16.87
CA PHE A 413 -7.13 7.54 17.27
C PHE A 413 -7.92 7.37 18.55
N PRO A 414 -7.88 8.33 19.47
CA PRO A 414 -7.20 9.62 19.40
C PRO A 414 -5.84 9.66 20.06
N TRP A 415 -5.37 8.51 20.54
CA TRP A 415 -4.20 8.52 21.40
C TRP A 415 -2.89 8.72 20.67
N PHE A 416 -2.82 8.37 19.39
CA PHE A 416 -1.55 8.54 18.70
C PHE A 416 -1.25 10.02 18.42
N ALA A 417 -2.27 10.81 18.13
CA ALA A 417 -2.07 12.18 17.67
C ALA A 417 -2.08 13.20 18.80
N ASP A 418 -2.52 12.84 20.00
CA ASP A 418 -2.67 13.79 21.09
C ASP A 418 -1.86 13.38 22.31
N ALA A 419 -1.13 14.35 22.87
CA ALA A 419 -0.21 14.05 23.96
C ALA A 419 -0.94 13.50 25.18
N ALA A 420 -1.98 14.20 25.65
CA ALA A 420 -2.69 13.76 26.84
C ALA A 420 -3.31 12.38 26.63
N GLU A 421 -3.94 12.17 25.48
CA GLU A 421 -4.55 10.88 25.19
C GLU A 421 -3.50 9.79 25.07
N SER A 422 -2.32 10.11 24.55
CA SER A 422 -1.26 9.11 24.46
C SER A 422 -0.86 8.64 25.85
N GLU A 423 -0.74 9.57 26.81
CA GLU A 423 -0.38 9.20 28.17
C GLU A 423 -1.46 8.32 28.79
N ARG A 424 -2.73 8.62 28.54
CA ARG A 424 -3.80 7.78 29.04
C ARG A 424 -3.69 6.37 28.46
N TYR A 425 -3.36 6.25 27.18
CA TYR A 425 -3.35 4.91 26.60
C TYR A 425 -2.13 4.14 27.07
N ILE A 426 -1.01 4.82 27.26
CA ILE A 426 0.15 4.15 27.83
C ILE A 426 -0.23 3.53 29.17
N ALA A 427 -0.95 4.29 29.99
CA ALA A 427 -1.35 3.78 31.31
C ALA A 427 -2.28 2.59 31.18
N THR A 428 -3.24 2.66 30.27
CA THR A 428 -4.14 1.53 30.03
C THR A 428 -3.35 0.28 29.68
N CYS A 429 -2.37 0.41 28.78
CA CYS A 429 -1.55 -0.74 28.39
C CYS A 429 -0.69 -1.22 29.55
N ALA A 430 -0.11 -0.28 30.31
CA ALA A 430 0.72 -0.68 31.43
C ALA A 430 -0.07 -1.48 32.46
N ALA A 431 -1.36 -1.21 32.60
CA ALA A 431 -2.13 -1.88 33.66
C ALA A 431 -2.38 -3.34 33.35
N VAL A 432 -2.28 -3.75 32.09
CA VAL A 432 -2.50 -5.14 31.71
C VAL A 432 -1.20 -5.83 31.29
N ALA A 433 -0.06 -5.22 31.52
CA ALA A 433 1.22 -5.81 31.12
C ALA A 433 1.55 -6.94 32.06
#